data_4X3L
#
_entry.id   4X3L
#
_cell.length_a   111.170
_cell.length_b   115.950
_cell.length_c   58.680
_cell.angle_alpha   90.000
_cell.angle_beta   90.000
_cell.angle_gamma   90.000
#
_symmetry.space_group_name_H-M   'P 21 21 2'
#
loop_
_entity.id
_entity.type
_entity.pdbx_description
1 polymer "RNA 2'-O ribose methyltransferase"
2 non-polymer "5'-DEOXY-5'-METHYLTHIOADENOSINE"
3 non-polymer 'CHLORIDE ION'
4 water water
#
_entity_poly.entity_id   1
_entity_poly.type   'polypeptide(L)'
_entity_poly.pdbx_seq_one_letter_code
;MRIESPQNPRVKALAALKERKERERTGRFLVEGRREVERALEAGLSLETLLLGPKARPEDRALAGGAEVLELSERALARV
STRENPAQVLGVFRLPRRSLAGVTLGAAPLVLVLLGLEKPGNLGAILRAADGAGADLVLVAEGVDLFSPQVIRNSTGAVF
ALPVYPVAEGEAARFLEEHNLPLVAATPEGERLYWEGDYRGGVAFLLGAEDKGLPEAWKRRAQVRVRIPMRGRADSLNVA
VTAALLLYEALRQRSGGAPL
;
_entity_poly.pdbx_strand_id   A,B
#
# COMPACT_ATOMS: atom_id res chain seq x y z
N MET A 1 27.47 2.95 -27.06
N MET A 1 28.40 1.84 -26.78
CA MET A 1 27.47 1.93 -28.12
CA MET A 1 27.87 1.43 -28.07
C MET A 1 26.22 1.05 -28.03
C MET A 1 26.57 0.64 -27.92
N ARG A 2 25.99 0.23 -29.04
CA ARG A 2 24.81 -0.61 -29.03
C ARG A 2 25.15 -2.01 -28.54
N ILE A 3 24.26 -2.57 -27.73
CA ILE A 3 24.39 -3.95 -27.27
C ILE A 3 23.14 -4.69 -27.75
N GLU A 4 23.33 -5.71 -28.59
CA GLU A 4 22.20 -6.38 -29.24
C GLU A 4 21.80 -7.69 -28.56
N SER A 5 22.78 -8.54 -28.26
CA SER A 5 22.48 -9.87 -27.78
C SER A 5 22.38 -9.98 -26.26
N PRO A 6 21.37 -10.72 -25.78
CA PRO A 6 21.25 -11.05 -24.36
C PRO A 6 22.48 -11.78 -23.83
N GLN A 7 23.25 -12.37 -24.74
CA GLN A 7 24.40 -13.18 -24.36
C GLN A 7 25.68 -12.35 -24.28
N ASN A 8 25.60 -11.08 -24.67
CA ASN A 8 26.75 -10.18 -24.53
C ASN A 8 27.18 -10.15 -23.06
N PRO A 9 28.48 -10.26 -22.80
CA PRO A 9 28.97 -10.32 -21.41
C PRO A 9 28.57 -9.10 -20.56
N ARG A 10 28.42 -7.94 -21.18
CA ARG A 10 27.96 -6.74 -20.46
C ARG A 10 26.55 -6.91 -19.94
N VAL A 11 25.71 -7.61 -20.71
CA VAL A 11 24.32 -7.80 -20.33
C VAL A 11 24.24 -8.74 -19.12
N LYS A 12 25.04 -9.79 -19.15
CA LYS A 12 25.11 -10.72 -18.02
C LYS A 12 25.62 -10.00 -16.77
N ALA A 13 26.59 -9.11 -16.94
CA ALA A 13 27.12 -8.34 -15.80
C ALA A 13 26.05 -7.40 -15.24
N LEU A 14 25.30 -6.77 -16.13
CA LEU A 14 24.23 -5.86 -15.72
C LEU A 14 23.12 -6.64 -15.02
N ALA A 15 22.81 -7.83 -15.54
CA ALA A 15 21.76 -8.65 -14.95
C ALA A 15 22.17 -9.18 -13.57
N ALA A 16 23.47 -9.33 -13.35
CA ALA A 16 23.99 -9.83 -12.08
C ALA A 16 23.68 -8.87 -10.94
N LEU A 17 23.44 -7.60 -11.26
CA LEU A 17 23.21 -6.56 -10.26
C LEU A 17 21.84 -6.70 -9.58
N LYS A 18 21.03 -7.63 -10.08
CA LYS A 18 19.73 -7.92 -9.46
C LYS A 18 19.91 -8.51 -8.07
N GLU A 19 21.10 -9.05 -7.79
CA GLU A 19 21.40 -9.65 -6.50
C GLU A 19 22.18 -8.72 -5.57
N ARG A 20 21.77 -8.69 -4.30
CA ARG A 20 22.41 -7.79 -3.35
C ARG A 20 23.89 -8.08 -3.17
N LYS A 21 24.26 -9.37 -3.23
CA LYS A 21 25.65 -9.77 -3.07
C LYS A 21 26.52 -9.14 -4.17
N GLU A 22 25.99 -9.10 -5.38
CA GLU A 22 26.73 -8.54 -6.51
C GLU A 22 26.81 -7.02 -6.42
N ARG A 23 25.73 -6.38 -5.95
CA ARG A 23 25.76 -4.95 -5.75
C ARG A 23 26.85 -4.59 -4.74
N GLU A 24 26.93 -5.38 -3.66
CA GLU A 24 27.93 -5.15 -2.63
C GLU A 24 29.34 -5.40 -3.15
N ARG A 25 29.50 -6.47 -3.93
CA ARG A 25 30.80 -6.82 -4.49
C ARG A 25 31.33 -5.73 -5.42
N THR A 26 30.46 -5.19 -6.26
CA THR A 26 30.88 -4.24 -7.29
C THR A 26 30.83 -2.78 -6.85
N GLY A 27 30.06 -2.49 -5.81
CA GLY A 27 29.88 -1.11 -5.36
C GLY A 27 28.97 -0.36 -6.30
N ARG A 28 28.12 -1.10 -7.02
N ARG A 28 28.12 -1.12 -7.01
CA ARG A 28 27.23 -0.51 -8.02
CA ARG A 28 27.22 -0.58 -8.02
C ARG A 28 25.82 -1.07 -7.92
C ARG A 28 25.79 -1.02 -7.78
N PHE A 29 24.83 -0.28 -8.33
CA PHE A 29 23.45 -0.75 -8.34
C PHE A 29 22.70 -0.17 -9.53
N LEU A 30 21.72 -0.91 -10.02
CA LEU A 30 20.95 -0.46 -11.17
C LEU A 30 19.67 0.25 -10.74
N VAL A 31 19.42 1.40 -11.37
CA VAL A 31 18.20 2.17 -11.17
C VAL A 31 17.38 2.16 -12.44
N GLU A 32 16.22 1.52 -12.38
CA GLU A 32 15.37 1.35 -13.56
C GLU A 32 14.23 2.34 -13.57
N GLY A 33 14.01 2.98 -14.72
CA GLY A 33 12.90 3.90 -14.87
C GLY A 33 13.36 5.34 -14.95
N ARG A 34 12.80 6.08 -15.90
CA ARG A 34 13.18 7.49 -16.11
C ARG A 34 13.02 8.32 -14.84
N ARG A 35 11.87 8.17 -14.18
CA ARG A 35 11.60 8.93 -12.97
C ARG A 35 12.62 8.61 -11.88
N GLU A 36 12.90 7.33 -11.71
CA GLU A 36 13.82 6.87 -10.68
C GLU A 36 15.23 7.35 -10.98
N VAL A 37 15.62 7.33 -12.24
CA VAL A 37 16.95 7.82 -12.61
C VAL A 37 17.06 9.31 -12.36
N GLU A 38 16.01 10.05 -12.71
CA GLU A 38 15.96 11.47 -12.39
C GLU A 38 16.16 11.75 -10.90
N ARG A 39 15.47 11.00 -10.05
CA ARG A 39 15.61 11.21 -8.61
C ARG A 39 17.00 10.88 -8.11
N ALA A 40 17.59 9.81 -8.65
CA ALA A 40 18.93 9.41 -8.26
C ALA A 40 19.94 10.48 -8.66
N LEU A 41 19.79 11.00 -9.87
CA LEU A 41 20.64 12.09 -10.34
C LEU A 41 20.48 13.35 -9.49
N GLU A 42 19.23 13.71 -9.22
CA GLU A 42 18.97 14.90 -8.41
C GLU A 42 19.45 14.77 -6.95
N ALA A 43 19.64 13.55 -6.48
CA ALA A 43 20.17 13.28 -5.14
C ALA A 43 21.69 13.37 -5.12
N GLY A 44 22.30 13.53 -6.29
CA GLY A 44 23.73 13.64 -6.39
C GLY A 44 24.48 12.32 -6.47
N LEU A 45 23.75 11.24 -6.71
CA LEU A 45 24.37 9.94 -6.87
C LEU A 45 25.16 9.90 -8.17
N SER A 46 26.28 9.18 -8.17
N SER A 46 26.28 9.19 -8.16
CA SER A 46 27.19 9.16 -9.30
CA SER A 46 27.20 9.15 -9.30
C SER A 46 26.77 8.14 -10.36
C SER A 46 26.77 8.14 -10.36
N LEU A 47 26.46 8.63 -11.56
CA LEU A 47 26.05 7.77 -12.66
C LEU A 47 27.28 7.25 -13.40
N GLU A 48 27.42 5.94 -13.46
CA GLU A 48 28.56 5.31 -14.13
C GLU A 48 28.22 4.89 -15.56
N THR A 49 27.03 4.33 -15.74
CA THR A 49 26.59 3.88 -17.06
C THR A 49 25.12 4.16 -17.30
N LEU A 50 24.81 4.83 -18.40
CA LEU A 50 23.43 5.06 -18.79
C LEU A 50 22.96 4.05 -19.81
N LEU A 51 21.80 3.44 -19.55
CA LEU A 51 21.22 2.43 -20.43
C LEU A 51 19.97 2.96 -21.12
N LEU A 52 19.94 2.86 -22.45
CA LEU A 52 18.78 3.38 -23.20
C LEU A 52 18.18 2.27 -24.04
N GLY A 53 16.87 2.06 -23.88
CA GLY A 53 16.13 1.11 -24.69
C GLY A 53 15.75 1.70 -26.05
N PRO A 54 15.16 0.86 -26.91
CA PRO A 54 14.86 1.25 -28.29
C PRO A 54 13.90 2.43 -28.42
N LYS A 55 13.10 2.66 -27.38
N LYS A 55 13.10 2.66 -27.38
CA LYS A 55 12.10 3.73 -27.42
CA LYS A 55 12.09 3.72 -27.42
C LYS A 55 12.41 4.87 -26.46
C LYS A 55 12.43 4.90 -26.50
N ALA A 56 13.68 4.98 -26.09
CA ALA A 56 14.13 6.13 -25.32
C ALA A 56 14.01 7.41 -26.17
N ARG A 57 13.82 8.54 -25.51
CA ARG A 57 13.65 9.79 -26.22
C ARG A 57 14.97 10.57 -26.20
N PRO A 58 15.12 11.54 -27.11
CA PRO A 58 16.40 12.26 -27.25
C PRO A 58 16.94 12.86 -25.96
N GLU A 59 16.07 13.38 -25.10
CA GLU A 59 16.54 14.03 -23.89
C GLU A 59 17.22 13.03 -22.95
N ASP A 60 16.83 11.77 -23.02
CA ASP A 60 17.38 10.73 -22.14
C ASP A 60 18.90 10.64 -22.29
N ARG A 61 19.40 10.76 -23.52
CA ARG A 61 20.84 10.65 -23.74
C ARG A 61 21.61 11.76 -23.04
N ALA A 62 20.99 12.94 -22.92
CA ALA A 62 21.63 14.08 -22.28
C ALA A 62 21.72 13.97 -20.76
N LEU A 63 21.11 12.92 -20.19
CA LEU A 63 21.25 12.65 -18.77
C LEU A 63 22.62 12.14 -18.38
N ALA A 64 23.39 11.69 -19.39
CA ALA A 64 24.64 10.95 -19.15
C ALA A 64 25.70 11.69 -18.32
N GLY A 65 25.86 12.98 -18.57
CA GLY A 65 26.85 13.77 -17.86
C GLY A 65 28.26 13.22 -17.94
N GLY A 66 28.57 12.57 -19.06
CA GLY A 66 29.91 12.03 -19.28
C GLY A 66 30.03 10.55 -18.99
N ALA A 67 28.96 9.95 -18.46
CA ALA A 67 28.94 8.52 -18.24
C ALA A 67 28.89 7.77 -19.55
N GLU A 68 29.36 6.53 -19.54
CA GLU A 68 29.22 5.62 -20.67
C GLU A 68 27.74 5.44 -21.01
N VAL A 69 27.41 5.46 -22.31
CA VAL A 69 26.04 5.25 -22.76
C VAL A 69 25.91 3.97 -23.57
N LEU A 70 24.99 3.09 -23.16
CA LEU A 70 24.72 1.86 -23.88
C LEU A 70 23.31 1.84 -24.44
N GLU A 71 23.18 1.64 -25.76
CA GLU A 71 21.88 1.46 -26.38
C GLU A 71 21.54 -0.03 -26.47
N LEU A 72 20.55 -0.44 -25.71
CA LEU A 72 20.17 -1.85 -25.64
C LEU A 72 19.05 -2.20 -26.60
N SER A 73 19.13 -3.39 -27.19
CA SER A 73 18.04 -3.92 -27.97
C SER A 73 16.90 -4.28 -27.01
N GLU A 74 15.71 -4.47 -27.56
CA GLU A 74 14.58 -4.93 -26.75
C GLU A 74 14.95 -6.19 -25.96
N ARG A 75 15.57 -7.16 -26.62
CA ARG A 75 15.86 -8.43 -25.96
C ARG A 75 16.97 -8.29 -24.91
N ALA A 76 17.92 -7.38 -25.15
CA ALA A 76 18.98 -7.15 -24.16
C ALA A 76 18.40 -6.44 -22.93
N LEU A 77 17.53 -5.47 -23.20
CA LEU A 77 16.84 -4.74 -22.16
C LEU A 77 16.01 -5.68 -21.28
N ALA A 78 15.35 -6.65 -21.90
CA ALA A 78 14.50 -7.58 -21.18
C ALA A 78 15.27 -8.38 -20.12
N ARG A 79 16.52 -8.70 -20.42
N ARG A 79 16.51 -8.71 -20.42
CA ARG A 79 17.37 -9.47 -19.51
CA ARG A 79 17.37 -9.46 -19.51
C ARG A 79 17.85 -8.61 -18.33
C ARG A 79 17.82 -8.60 -18.32
N VAL A 80 18.15 -7.35 -18.60
CA VAL A 80 18.66 -6.45 -17.57
C VAL A 80 17.53 -5.95 -16.64
N SER A 81 16.33 -5.87 -17.19
CA SER A 81 15.18 -5.33 -16.47
C SER A 81 14.66 -6.25 -15.38
N THR A 82 14.11 -5.67 -14.32
CA THR A 82 13.42 -6.44 -13.30
C THR A 82 11.91 -6.26 -13.41
N ARG A 83 11.46 -5.70 -14.54
CA ARG A 83 10.05 -5.45 -14.76
C ARG A 83 9.45 -6.33 -15.85
N GLU A 84 8.14 -6.52 -15.80
CA GLU A 84 7.40 -7.21 -16.85
C GLU A 84 7.48 -6.40 -18.14
N ASN A 85 7.29 -5.09 -18.00
CA ASN A 85 7.47 -4.17 -19.11
C ASN A 85 8.65 -3.25 -18.82
N PRO A 86 9.83 -3.60 -19.35
CA PRO A 86 11.07 -2.86 -19.04
C PRO A 86 10.98 -1.37 -19.29
N ALA A 87 11.59 -0.59 -18.41
CA ALA A 87 11.75 0.84 -18.64
C ALA A 87 12.71 1.07 -19.81
N GLN A 88 12.61 2.25 -20.43
CA GLN A 88 13.47 2.61 -21.56
C GLN A 88 14.71 3.39 -21.13
N VAL A 89 14.74 3.79 -19.86
CA VAL A 89 15.88 4.50 -19.27
C VAL A 89 16.30 3.83 -17.99
N LEU A 90 17.57 3.48 -17.87
CA LEU A 90 18.11 2.89 -16.64
C LEU A 90 19.50 3.44 -16.42
N GLY A 91 19.96 3.39 -15.18
CA GLY A 91 21.28 3.89 -14.86
C GLY A 91 22.00 3.02 -13.86
N VAL A 92 23.28 2.77 -14.11
CA VAL A 92 24.13 2.12 -13.11
C VAL A 92 24.80 3.19 -12.28
N PHE A 93 24.52 3.18 -10.98
CA PHE A 93 25.04 4.19 -10.07
C PHE A 93 26.01 3.56 -9.07
N ARG A 94 26.89 4.39 -8.53
CA ARG A 94 27.83 3.94 -7.50
C ARG A 94 27.13 3.95 -6.15
N LEU A 95 27.29 2.88 -5.38
CA LEU A 95 26.77 2.85 -4.00
C LEU A 95 27.47 3.96 -3.21
N PRO A 96 26.68 4.82 -2.55
CA PRO A 96 27.25 5.94 -1.80
C PRO A 96 27.76 5.53 -0.42
N ARG A 97 28.70 6.30 0.12
CA ARG A 97 29.18 6.08 1.49
C ARG A 97 28.48 7.07 2.41
N ARG A 98 27.49 6.57 3.14
CA ARG A 98 26.69 7.42 4.01
C ARG A 98 26.71 6.94 5.46
N SER A 99 26.78 7.90 6.38
N SER A 99 26.78 7.88 6.39
CA SER A 99 26.66 7.59 7.80
CA SER A 99 26.65 7.57 7.80
C SER A 99 25.62 8.50 8.44
C SER A 99 25.62 8.49 8.45
N LEU A 100 24.91 7.97 9.43
CA LEU A 100 23.90 8.76 10.15
C LEU A 100 24.58 9.92 10.91
N ALA A 101 25.85 9.71 11.26
CA ALA A 101 26.63 10.71 11.97
C ALA A 101 26.71 12.05 11.23
N GLY A 102 26.56 12.02 9.92
CA GLY A 102 26.68 13.23 9.10
C GLY A 102 25.40 14.03 8.94
N VAL A 103 24.34 13.58 9.60
CA VAL A 103 23.04 14.23 9.49
C VAL A 103 22.89 15.39 10.44
N THR A 104 22.40 16.52 9.93
CA THR A 104 22.09 17.69 10.73
C THR A 104 20.59 17.98 10.65
N LEU A 105 19.95 18.15 11.81
CA LEU A 105 18.52 18.47 11.85
C LEU A 105 18.27 19.94 12.21
N GLY A 106 17.13 20.45 11.76
CA GLY A 106 16.70 21.80 12.13
C GLY A 106 15.96 21.86 13.45
N ALA A 107 15.29 22.97 13.70
CA ALA A 107 14.66 23.20 15.01
C ALA A 107 13.40 22.37 15.21
N ALA A 108 12.71 22.02 14.12
CA ALA A 108 11.44 21.31 14.24
C ALA A 108 11.37 20.11 13.28
N PRO A 109 12.24 19.12 13.48
CA PRO A 109 12.27 18.04 12.49
C PRO A 109 11.07 17.11 12.59
N LEU A 110 10.74 16.50 11.44
CA LEU A 110 9.74 15.46 11.37
C LEU A 110 10.43 14.14 11.08
N VAL A 111 10.51 13.26 12.08
CA VAL A 111 11.30 12.04 11.97
C VAL A 111 10.41 10.82 12.05
N LEU A 112 10.71 9.82 11.22
CA LEU A 112 10.02 8.55 11.28
C LEU A 112 11.00 7.45 11.68
N VAL A 113 10.64 6.70 12.72
CA VAL A 113 11.48 5.58 13.18
C VAL A 113 10.75 4.26 12.98
N LEU A 114 11.25 3.46 12.04
CA LEU A 114 10.62 2.21 11.70
C LEU A 114 11.40 1.09 12.37
N LEU A 115 10.81 0.49 13.40
CA LEU A 115 11.50 -0.55 14.14
C LEU A 115 11.16 -1.94 13.62
N GLY A 116 12.20 -2.75 13.39
CA GLY A 116 12.02 -4.09 12.89
C GLY A 116 11.90 -4.14 11.37
N LEU A 117 12.22 -5.29 10.79
CA LEU A 117 12.10 -5.48 9.34
C LEU A 117 10.63 -5.60 8.97
N GLU A 118 10.25 -5.00 7.83
CA GLU A 118 8.85 -4.98 7.43
C GLU A 118 8.58 -5.92 6.26
N LYS A 119 7.30 -6.14 6.00
CA LYS A 119 6.90 -6.92 4.83
C LYS A 119 7.23 -6.15 3.56
N PRO A 120 7.56 -6.87 2.48
CA PRO A 120 7.61 -6.24 1.15
C PRO A 120 6.20 -5.97 0.66
N GLY A 121 5.92 -4.79 0.09
CA GLY A 121 6.89 -3.71 -0.02
C GLY A 121 6.39 -2.47 0.72
N ASN A 122 6.33 -2.61 2.04
CA ASN A 122 5.86 -1.56 2.90
C ASN A 122 6.83 -0.39 2.93
N LEU A 123 8.13 -0.68 2.87
CA LEU A 123 9.11 0.38 3.01
C LEU A 123 8.97 1.38 1.87
N GLY A 124 8.91 0.87 0.63
CA GLY A 124 8.75 1.76 -0.51
C GLY A 124 7.57 2.70 -0.40
N ALA A 125 6.40 2.14 -0.05
CA ALA A 125 5.21 2.94 0.22
C ALA A 125 5.43 4.00 1.29
N ILE A 126 6.06 3.61 2.39
CA ILE A 126 6.32 4.55 3.48
C ILE A 126 7.19 5.70 3.00
N LEU A 127 8.18 5.38 2.17
CA LEU A 127 9.09 6.42 1.71
C LEU A 127 8.38 7.37 0.73
N ARG A 128 7.46 6.87 -0.10
CA ARG A 128 6.63 7.76 -0.90
C ARG A 128 5.86 8.77 -0.04
N ALA A 129 5.27 8.27 1.04
CA ALA A 129 4.50 9.15 1.93
C ALA A 129 5.39 10.11 2.67
N ALA A 130 6.55 9.65 3.10
CA ALA A 130 7.50 10.50 3.82
C ALA A 130 8.01 11.63 2.93
N ASP A 131 8.28 11.31 1.65
CA ASP A 131 8.64 12.29 0.66
C ASP A 131 7.49 13.29 0.49
N GLY A 132 6.27 12.78 0.36
CA GLY A 132 5.11 13.63 0.16
C GLY A 132 4.86 14.59 1.31
N ALA A 133 5.02 14.08 2.53
CA ALA A 133 4.69 14.87 3.73
C ALA A 133 5.85 15.73 4.19
N GLY A 134 7.02 15.51 3.60
CA GLY A 134 8.19 16.29 3.94
C GLY A 134 8.91 15.87 5.23
N ALA A 135 8.98 14.57 5.47
CA ALA A 135 9.77 14.04 6.58
C ALA A 135 11.23 14.40 6.38
N ASP A 136 11.90 14.68 7.48
CA ASP A 136 13.29 15.11 7.42
C ASP A 136 14.26 13.96 7.54
N LEU A 137 13.79 12.85 8.08
CA LEU A 137 14.62 11.68 8.34
C LEU A 137 13.78 10.44 8.56
N VAL A 138 14.20 9.32 7.95
CA VAL A 138 13.61 8.03 8.23
C VAL A 138 14.67 7.05 8.70
N LEU A 139 14.49 6.49 9.89
CA LEU A 139 15.35 5.42 10.39
C LEU A 139 14.66 4.08 10.18
N VAL A 140 15.41 3.11 9.65
CA VAL A 140 14.89 1.79 9.40
C VAL A 140 15.79 0.75 10.04
N ALA A 141 15.39 -0.52 9.96
CA ALA A 141 16.08 -1.58 10.67
C ALA A 141 17.48 -1.82 10.10
N GLU A 142 18.37 -2.37 10.92
CA GLU A 142 19.78 -2.51 10.60
C GLU A 142 20.10 -3.22 9.28
N GLY A 143 19.40 -4.30 8.97
CA GLY A 143 19.77 -5.05 7.77
C GLY A 143 19.19 -4.55 6.46
N VAL A 144 18.40 -3.48 6.53
CA VAL A 144 17.53 -3.10 5.42
C VAL A 144 18.34 -2.62 4.20
N ASP A 145 17.95 -3.11 3.03
CA ASP A 145 18.58 -2.80 1.74
C ASP A 145 17.83 -1.65 1.08
N LEU A 146 18.47 -0.50 1.00
CA LEU A 146 17.85 0.68 0.42
C LEU A 146 18.15 0.81 -1.07
N PHE A 147 18.86 -0.18 -1.62
CA PHE A 147 19.29 -0.09 -3.02
C PHE A 147 18.82 -1.25 -3.88
N SER A 148 17.83 -1.99 -3.37
CA SER A 148 17.24 -3.08 -4.12
C SER A 148 16.32 -2.56 -5.23
N PRO A 149 16.21 -3.32 -6.33
CA PRO A 149 15.23 -2.98 -7.37
C PRO A 149 13.83 -2.79 -6.81
N GLN A 150 13.49 -3.60 -5.81
CA GLN A 150 12.18 -3.55 -5.17
C GLN A 150 11.90 -2.20 -4.48
N VAL A 151 12.81 -1.76 -3.62
CA VAL A 151 12.54 -0.52 -2.88
C VAL A 151 12.63 0.69 -3.81
N ILE A 152 13.50 0.64 -4.82
CA ILE A 152 13.58 1.72 -5.78
C ILE A 152 12.28 1.87 -6.53
N ARG A 153 11.75 0.74 -6.99
CA ARG A 153 10.51 0.75 -7.77
C ARG A 153 9.33 1.15 -6.90
N ASN A 154 9.23 0.53 -5.74
CA ASN A 154 8.08 0.77 -4.87
C ASN A 154 8.05 2.19 -4.30
N SER A 155 9.22 2.81 -4.19
CA SER A 155 9.29 4.18 -3.68
C SER A 155 9.17 5.18 -4.83
N THR A 156 9.15 4.67 -6.05
CA THR A 156 9.21 5.52 -7.26
C THR A 156 10.42 6.46 -7.19
N GLY A 157 11.50 5.97 -6.60
CA GLY A 157 12.72 6.75 -6.45
C GLY A 157 12.75 7.66 -5.24
N ALA A 158 11.68 7.68 -4.43
CA ALA A 158 11.70 8.53 -3.26
C ALA A 158 12.79 8.13 -2.25
N VAL A 159 13.25 6.89 -2.31
CA VAL A 159 14.29 6.42 -1.42
C VAL A 159 15.56 7.27 -1.60
N PHE A 160 15.75 7.85 -2.78
CA PHE A 160 16.91 8.72 -3.01
C PHE A 160 16.71 10.13 -2.51
N ALA A 161 15.46 10.56 -2.38
CA ALA A 161 15.09 11.96 -2.16
C ALA A 161 15.01 12.35 -0.70
N LEU A 162 15.12 11.36 0.17
CA LEU A 162 14.95 11.48 1.63
C LEU A 162 16.17 10.98 2.35
N PRO A 163 16.53 11.58 3.50
CA PRO A 163 17.55 10.88 4.28
C PRO A 163 16.98 9.63 4.96
N VAL A 164 17.44 8.45 4.54
CA VAL A 164 16.99 7.17 5.09
C VAL A 164 18.23 6.38 5.53
N TYR A 165 18.21 5.91 6.78
CA TYR A 165 19.38 5.23 7.35
C TYR A 165 19.00 3.95 8.07
N PRO A 166 19.62 2.82 7.69
CA PRO A 166 19.41 1.59 8.45
C PRO A 166 20.29 1.61 9.69
N VAL A 167 19.70 1.39 10.85
CA VAL A 167 20.42 1.47 12.13
C VAL A 167 19.90 0.42 13.09
N ALA A 168 20.79 -0.09 13.95
CA ALA A 168 20.36 -0.93 15.05
C ALA A 168 19.55 -0.09 16.05
N GLU A 169 18.73 -0.76 16.85
CA GLU A 169 17.88 -0.07 17.82
C GLU A 169 18.66 0.85 18.72
N GLY A 170 19.83 0.39 19.17
CA GLY A 170 20.64 1.19 20.08
C GLY A 170 21.10 2.49 19.47
N GLU A 171 21.51 2.42 18.22
CA GLU A 171 21.95 3.60 17.48
C GLU A 171 20.79 4.55 17.25
N ALA A 172 19.61 4.01 16.92
CA ALA A 172 18.45 4.86 16.78
C ALA A 172 18.14 5.55 18.11
N ALA A 173 18.17 4.78 19.19
CA ALA A 173 17.86 5.35 20.51
C ALA A 173 18.84 6.45 20.89
N ARG A 174 20.13 6.19 20.67
CA ARG A 174 21.15 7.21 20.93
C ARG A 174 20.96 8.45 20.07
N PHE A 175 20.65 8.27 18.79
CA PHE A 175 20.45 9.43 17.92
C PHE A 175 19.30 10.32 18.41
N LEU A 176 18.20 9.68 18.76
CA LEU A 176 17.02 10.40 19.21
C LEU A 176 17.29 11.16 20.51
N GLU A 177 17.96 10.50 21.45
CA GLU A 177 18.32 11.13 22.72
C GLU A 177 19.19 12.34 22.52
N GLU A 178 20.20 12.21 21.67
CA GLU A 178 21.18 13.26 21.50
C GLU A 178 20.64 14.42 20.67
N HIS A 179 19.49 14.22 20.02
CA HIS A 179 18.78 15.35 19.43
C HIS A 179 17.60 15.81 20.30
N ASN A 180 17.46 15.18 21.48
CA ASN A 180 16.40 15.47 22.45
C ASN A 180 15.03 15.52 21.79
N LEU A 181 14.74 14.52 20.97
CA LEU A 181 13.51 14.49 20.20
C LEU A 181 12.39 13.82 20.97
N PRO A 182 11.24 14.50 21.08
CA PRO A 182 10.06 13.87 21.66
C PRO A 182 9.66 12.64 20.86
N LEU A 183 9.45 11.52 21.52
CA LEU A 183 9.08 10.27 20.87
C LEU A 183 7.57 10.07 20.95
N VAL A 184 6.95 9.85 19.80
CA VAL A 184 5.52 9.55 19.77
C VAL A 184 5.32 8.13 19.26
N ALA A 185 4.85 7.23 20.13
CA ALA A 185 4.69 5.83 19.78
C ALA A 185 3.31 5.58 19.17
N ALA A 186 3.28 5.07 17.94
CA ALA A 186 2.00 4.75 17.31
C ALA A 186 1.61 3.33 17.61
N THR A 187 0.48 3.16 18.29
CA THR A 187 0.03 1.81 18.62
C THR A 187 -1.49 1.83 18.74
N PRO A 188 -2.15 0.75 18.30
CA PRO A 188 -3.61 0.70 18.22
C PRO A 188 -4.30 0.95 19.56
N GLU A 189 -3.60 0.74 20.67
CA GLU A 189 -4.18 0.96 22.00
C GLU A 189 -3.61 2.20 22.71
N GLY A 190 -2.95 3.08 21.95
CA GLY A 190 -2.41 4.32 22.50
C GLY A 190 -3.47 5.12 23.26
N GLU A 191 -3.05 5.82 24.31
CA GLU A 191 -3.99 6.50 25.19
C GLU A 191 -4.56 7.79 24.59
N ARG A 192 -3.99 8.27 23.51
CA ARG A 192 -4.50 9.48 22.88
C ARG A 192 -4.80 9.22 21.41
N LEU A 193 -5.79 9.91 20.85
CA LEU A 193 -5.97 9.90 19.39
C LEU A 193 -4.78 10.57 18.74
N TYR A 194 -4.36 10.09 17.57
CA TYR A 194 -3.17 10.68 16.98
C TYR A 194 -3.32 12.15 16.62
N TRP A 195 -4.55 12.62 16.38
CA TRP A 195 -4.80 14.03 16.14
C TRP A 195 -4.53 14.91 17.36
N GLU A 196 -4.45 14.30 18.55
CA GLU A 196 -4.34 15.04 19.80
C GLU A 196 -2.90 15.34 20.18
N GLY A 197 -1.96 14.67 19.54
CA GLY A 197 -0.55 14.99 19.76
C GLY A 197 -0.22 16.34 19.18
N ASP A 198 0.81 16.97 19.71
CA ASP A 198 1.25 18.25 19.15
C ASP A 198 2.52 18.05 18.34
N TYR A 199 2.43 18.19 17.03
CA TYR A 199 3.55 17.87 16.15
C TYR A 199 4.10 19.12 15.50
N ARG A 200 3.81 20.28 16.09
CA ARG A 200 4.26 21.53 15.52
C ARG A 200 5.75 21.78 15.82
N GLY A 201 6.25 21.15 16.87
CA GLY A 201 7.69 21.15 17.15
C GLY A 201 8.33 19.86 16.68
N GLY A 202 9.61 19.66 17.03
CA GLY A 202 10.30 18.44 16.63
C GLY A 202 9.63 17.19 17.19
N VAL A 203 9.42 16.19 16.33
CA VAL A 203 8.76 14.96 16.74
C VAL A 203 9.36 13.77 15.99
N ALA A 204 9.51 12.65 16.69
CA ALA A 204 9.82 11.39 16.04
C ALA A 204 8.72 10.38 16.27
N PHE A 205 8.08 9.94 15.18
CA PHE A 205 7.08 8.88 15.29
C PHE A 205 7.72 7.50 15.32
N LEU A 206 7.28 6.65 16.23
CA LEU A 206 7.76 5.26 16.31
C LEU A 206 6.72 4.30 15.76
N LEU A 207 7.13 3.48 14.80
CA LEU A 207 6.25 2.49 14.22
C LEU A 207 6.90 1.13 14.28
N GLY A 208 6.13 0.13 14.68
CA GLY A 208 6.63 -1.23 14.68
C GLY A 208 6.28 -1.96 13.40
N ALA A 209 6.70 -3.23 13.33
CA ALA A 209 6.38 -4.06 12.17
C ALA A 209 5.08 -4.82 12.39
N GLU A 210 4.52 -5.37 11.32
CA GLU A 210 3.28 -6.14 11.36
C GLU A 210 3.27 -7.23 12.44
N ASP A 211 4.20 -8.17 12.31
CA ASP A 211 4.18 -9.40 13.10
C ASP A 211 4.49 -9.20 14.58
N LYS A 212 5.00 -8.03 14.94
CA LYS A 212 5.44 -7.81 16.31
C LYS A 212 4.78 -6.62 16.99
N GLY A 213 4.85 -5.47 16.34
CA GLY A 213 4.47 -4.22 16.97
C GLY A 213 5.70 -3.65 17.64
N LEU A 214 5.53 -2.55 18.37
CA LEU A 214 6.65 -1.89 19.04
C LEU A 214 7.10 -2.64 20.28
N PRO A 215 8.43 -2.75 20.46
CA PRO A 215 8.99 -3.25 21.72
C PRO A 215 8.44 -2.46 22.90
N GLU A 216 8.15 -3.16 24.00
CA GLU A 216 7.49 -2.54 25.14
C GLU A 216 8.31 -1.40 25.72
N ALA A 217 9.63 -1.57 25.75
CA ALA A 217 10.50 -0.54 26.29
C ALA A 217 10.43 0.76 25.47
N TRP A 218 10.27 0.63 24.16
CA TRP A 218 10.14 1.82 23.32
C TRP A 218 8.82 2.53 23.60
N LYS A 219 7.75 1.76 23.72
CA LYS A 219 6.43 2.30 24.05
C LYS A 219 6.46 3.06 25.38
N ARG A 220 7.07 2.45 26.40
CA ARG A 220 7.18 3.10 27.70
C ARG A 220 8.00 4.39 27.66
N ARG A 221 9.07 4.39 26.88
CA ARG A 221 9.96 5.55 26.81
C ARG A 221 9.33 6.74 26.10
N ALA A 222 8.31 6.47 25.29
CA ALA A 222 7.70 7.52 24.49
C ALA A 222 7.02 8.55 25.38
N GLN A 223 7.04 9.80 24.93
CA GLN A 223 6.36 10.89 25.60
C GLN A 223 4.85 10.66 25.58
N VAL A 224 4.35 10.09 24.49
CA VAL A 224 2.92 9.84 24.33
C VAL A 224 2.75 8.63 23.42
N ARG A 225 1.71 7.84 23.63
CA ARG A 225 1.36 6.77 22.72
C ARG A 225 0.05 7.14 22.04
N VAL A 226 0.02 7.08 20.71
CA VAL A 226 -1.19 7.51 20.01
C VAL A 226 -1.79 6.41 19.15
N ARG A 227 -3.11 6.42 19.06
CA ARG A 227 -3.82 5.47 18.25
C ARG A 227 -4.49 6.13 17.06
N ILE A 228 -4.59 5.40 15.97
CA ILE A 228 -5.50 5.75 14.89
C ILE A 228 -6.79 4.97 15.14
N PRO A 229 -7.92 5.68 15.23
CA PRO A 229 -9.14 4.94 15.60
C PRO A 229 -9.55 3.94 14.53
N MET A 230 -10.11 2.80 14.95
CA MET A 230 -10.58 1.77 14.03
C MET A 230 -12.04 1.49 14.31
N ARG A 231 -12.91 1.87 13.40
CA ARG A 231 -14.35 1.89 13.68
C ARG A 231 -15.07 0.63 13.24
N GLY A 232 -14.33 -0.27 12.60
CA GLY A 232 -14.88 -1.52 12.13
C GLY A 232 -14.35 -2.67 12.94
N ARG A 233 -14.30 -3.84 12.34
CA ARG A 233 -13.92 -5.04 13.07
C ARG A 233 -12.41 -5.26 13.08
N ALA A 234 -11.73 -4.78 12.05
CA ALA A 234 -10.28 -4.91 11.97
C ALA A 234 -9.62 -4.12 13.08
N ASP A 235 -8.49 -4.65 13.57
CA ASP A 235 -7.82 -4.13 14.75
C ASP A 235 -6.72 -3.12 14.42
N SER A 236 -6.14 -3.27 13.24
CA SER A 236 -4.98 -2.49 12.88
C SER A 236 -4.96 -2.21 11.39
N LEU A 237 -4.24 -1.16 11.00
CA LEU A 237 -4.03 -0.87 9.59
C LEU A 237 -2.63 -1.31 9.19
N ASN A 238 -2.40 -1.39 7.90
CA ASN A 238 -1.06 -1.67 7.40
C ASN A 238 -0.08 -0.60 7.87
N VAL A 239 1.17 -0.98 8.15
CA VAL A 239 2.12 -0.08 8.78
C VAL A 239 2.42 1.14 7.90
N ALA A 240 2.40 0.93 6.59
CA ALA A 240 2.68 2.02 5.65
C ALA A 240 1.51 2.99 5.58
N VAL A 241 0.30 2.48 5.73
CA VAL A 241 -0.85 3.35 5.78
C VAL A 241 -0.82 4.20 7.05
N THR A 242 -0.48 3.55 8.15
CA THR A 242 -0.33 4.22 9.44
C THR A 242 0.71 5.33 9.32
N ALA A 243 1.85 5.03 8.69
CA ALA A 243 2.88 6.06 8.56
C ALA A 243 2.39 7.27 7.81
N ALA A 244 1.69 7.04 6.70
CA ALA A 244 1.17 8.16 5.94
C ALA A 244 0.20 9.01 6.75
N LEU A 245 -0.69 8.36 7.50
CA LEU A 245 -1.63 9.10 8.30
C LEU A 245 -0.94 9.98 9.34
N LEU A 246 0.06 9.42 10.00
CA LEU A 246 0.82 10.18 11.01
C LEU A 246 1.56 11.35 10.39
N LEU A 247 2.26 11.09 9.29
CA LEU A 247 3.07 12.10 8.66
C LEU A 247 2.21 13.25 8.17
N TYR A 248 1.08 12.93 7.53
CA TYR A 248 0.23 13.98 7.03
C TYR A 248 -0.52 14.72 8.13
N GLU A 249 -0.74 14.08 9.29
CA GLU A 249 -1.29 14.79 10.45
C GLU A 249 -0.28 15.83 10.96
N ALA A 250 0.99 15.45 10.97
CA ALA A 250 2.04 16.39 11.34
C ALA A 250 2.07 17.54 10.35
N LEU A 251 1.99 17.25 9.05
CA LEU A 251 1.98 18.30 8.04
C LEU A 251 0.76 19.20 8.17
N ARG A 252 -0.38 18.61 8.51
CA ARG A 252 -1.59 19.42 8.70
C ARG A 252 -1.36 20.47 9.79
N GLN A 253 -0.80 20.05 10.92
CA GLN A 253 -0.56 20.96 12.03
C GLN A 253 0.48 22.02 11.67
N ARG A 254 1.47 21.62 10.89
CA ARG A 254 2.51 22.55 10.44
C ARG A 254 2.01 23.49 9.36
N SER A 255 0.82 23.21 8.85
CA SER A 255 0.20 24.03 7.82
C SER A 255 -0.91 24.90 8.37
N GLY A 256 -1.00 25.01 9.70
CA GLY A 256 -1.97 25.88 10.32
C GLY A 256 -3.07 25.17 11.12
N GLY A 257 -3.07 23.84 11.08
CA GLY A 257 -4.05 23.07 11.81
C GLY A 257 -3.73 22.96 13.28
N ALA A 258 -4.76 22.83 14.11
CA ALA A 258 -4.56 22.65 15.54
C ALA A 258 -4.71 21.19 15.92
N PRO A 259 -3.99 20.74 16.96
CA PRO A 259 -4.24 19.42 17.51
C PRO A 259 -5.70 19.34 17.94
N LEU A 260 -6.31 18.18 17.76
CA LEU A 260 -7.71 17.99 18.17
C LEU A 260 -7.80 18.18 19.67
N MET B 1 -13.40 -40.05 5.23
CA MET B 1 -13.30 -39.05 6.29
C MET B 1 -12.21 -38.03 5.99
N ARG B 2 -11.13 -38.49 5.37
CA ARG B 2 -9.93 -37.68 5.16
C ARG B 2 -9.39 -37.82 3.75
N ILE B 3 -9.51 -36.75 2.96
CA ILE B 3 -9.01 -36.75 1.58
C ILE B 3 -7.50 -36.59 1.54
N GLU B 4 -6.81 -37.57 0.96
CA GLU B 4 -5.36 -37.62 1.00
C GLU B 4 -4.70 -37.18 -0.31
N SER B 5 -5.30 -37.54 -1.44
CA SER B 5 -4.69 -37.29 -2.74
C SER B 5 -5.05 -35.93 -3.31
N PRO B 6 -4.03 -35.17 -3.77
CA PRO B 6 -4.23 -33.90 -4.48
C PRO B 6 -4.86 -34.10 -5.84
N GLN B 7 -4.93 -35.35 -6.29
CA GLN B 7 -5.55 -35.69 -7.57
C GLN B 7 -7.01 -36.09 -7.39
N ASN B 8 -7.47 -36.15 -6.15
CA ASN B 8 -8.87 -36.41 -5.85
C ASN B 8 -9.74 -35.41 -6.60
N PRO B 9 -10.78 -35.91 -7.30
CA PRO B 9 -11.69 -35.07 -8.07
C PRO B 9 -12.26 -33.91 -7.27
N ARG B 10 -12.46 -34.11 -5.98
CA ARG B 10 -12.97 -33.07 -5.11
C ARG B 10 -11.93 -31.99 -4.86
N VAL B 11 -10.67 -32.39 -4.79
CA VAL B 11 -9.58 -31.45 -4.57
C VAL B 11 -9.31 -30.59 -5.81
N LYS B 12 -9.37 -31.23 -6.98
CA LYS B 12 -9.18 -30.51 -8.24
C LYS B 12 -10.26 -29.44 -8.40
N ALA B 13 -11.50 -29.80 -8.06
CA ALA B 13 -12.62 -28.88 -8.16
C ALA B 13 -12.47 -27.69 -7.20
N LEU B 14 -11.93 -27.95 -6.03
CA LEU B 14 -11.70 -26.89 -5.04
C LEU B 14 -10.58 -25.96 -5.51
N ALA B 15 -9.53 -26.55 -6.07
CA ALA B 15 -8.41 -25.77 -6.58
C ALA B 15 -8.83 -24.93 -7.78
N ALA B 16 -9.87 -25.39 -8.48
CA ALA B 16 -10.36 -24.71 -9.67
C ALA B 16 -10.95 -23.35 -9.31
N LEU B 17 -11.42 -23.20 -8.08
CA LEU B 17 -12.04 -21.96 -7.63
C LEU B 17 -11.06 -20.79 -7.59
N LYS B 18 -9.78 -21.07 -7.82
CA LYS B 18 -8.77 -20.02 -7.90
C LYS B 18 -9.03 -19.11 -9.10
N GLU B 19 -9.75 -19.63 -10.08
CA GLU B 19 -10.09 -18.91 -11.31
C GLU B 19 -11.45 -18.24 -11.18
N ARG B 20 -11.52 -16.96 -11.54
CA ARG B 20 -12.78 -16.22 -11.47
C ARG B 20 -13.86 -16.88 -12.34
N LYS B 21 -13.45 -17.41 -13.49
CA LYS B 21 -14.36 -18.09 -14.39
C LYS B 21 -15.07 -19.26 -13.69
N GLU B 22 -14.33 -19.97 -12.85
CA GLU B 22 -14.87 -21.14 -12.16
C GLU B 22 -15.83 -20.71 -11.06
N ARG B 23 -15.48 -19.64 -10.35
CA ARG B 23 -16.35 -19.12 -9.30
C ARG B 23 -17.69 -18.68 -9.88
N GLU B 24 -17.64 -18.00 -11.03
CA GLU B 24 -18.83 -17.56 -11.71
C GLU B 24 -19.64 -18.76 -12.23
N ARG B 25 -18.94 -19.77 -12.73
CA ARG B 25 -19.60 -20.97 -13.23
C ARG B 25 -20.34 -21.69 -12.09
N THR B 26 -19.68 -21.79 -10.95
CA THR B 26 -20.21 -22.58 -9.83
C THR B 26 -21.06 -21.76 -8.85
N GLY B 27 -20.91 -20.44 -8.89
CA GLY B 27 -21.62 -19.59 -7.96
C GLY B 27 -21.07 -19.71 -6.55
N ARG B 28 -19.80 -20.07 -6.45
CA ARG B 28 -19.16 -20.25 -5.15
C ARG B 28 -17.76 -19.69 -5.13
N PHE B 29 -17.24 -19.41 -3.94
CA PHE B 29 -15.89 -18.91 -3.82
C PHE B 29 -15.24 -19.44 -2.55
N LEU B 30 -13.93 -19.57 -2.58
CA LEU B 30 -13.21 -20.12 -1.45
C LEU B 30 -12.69 -18.98 -0.57
N VAL B 31 -12.93 -19.11 0.72
CA VAL B 31 -12.39 -18.18 1.70
C VAL B 31 -11.32 -18.88 2.51
N GLU B 32 -10.08 -18.47 2.32
CA GLU B 32 -8.96 -19.13 3.00
C GLU B 32 -8.52 -18.31 4.20
N GLY B 33 -8.35 -18.99 5.33
CA GLY B 33 -7.85 -18.36 6.54
C GLY B 33 -8.90 -18.32 7.63
N ARG B 34 -8.51 -18.67 8.84
CA ARG B 34 -9.45 -18.73 9.96
C ARG B 34 -10.15 -17.39 10.16
N ARG B 35 -9.37 -16.32 10.18
CA ARG B 35 -9.92 -14.98 10.38
C ARG B 35 -10.87 -14.59 9.24
N GLU B 36 -10.48 -14.87 8.00
CA GLU B 36 -11.36 -14.54 6.88
C GLU B 36 -12.65 -15.38 6.89
N VAL B 37 -12.55 -16.64 7.30
CA VAL B 37 -13.74 -17.49 7.43
C VAL B 37 -14.68 -16.95 8.51
N GLU B 38 -14.10 -16.57 9.65
CA GLU B 38 -14.85 -15.91 10.71
C GLU B 38 -15.61 -14.70 10.19
N ARG B 39 -14.95 -13.88 9.40
CA ARG B 39 -15.57 -12.64 8.92
C ARG B 39 -16.70 -12.91 7.94
N ALA B 40 -16.52 -13.90 7.08
CA ALA B 40 -17.57 -14.26 6.12
C ALA B 40 -18.79 -14.78 6.85
N LEU B 41 -18.57 -15.63 7.85
CA LEU B 41 -19.68 -16.14 8.66
C LEU B 41 -20.41 -15.02 9.36
N GLU B 42 -19.66 -14.13 9.99
CA GLU B 42 -20.23 -13.04 10.76
C GLU B 42 -20.95 -12.03 9.88
N ALA B 43 -20.52 -11.93 8.62
CA ALA B 43 -21.19 -11.09 7.63
C ALA B 43 -22.48 -11.71 7.11
N GLY B 44 -22.70 -12.99 7.41
CA GLY B 44 -23.93 -13.66 7.05
C GLY B 44 -23.88 -14.45 5.75
N LEU B 45 -22.68 -14.66 5.22
CA LEU B 45 -22.53 -15.44 4.00
C LEU B 45 -22.79 -16.92 4.28
N SER B 46 -23.25 -17.64 3.26
N SER B 46 -23.25 -17.65 3.26
CA SER B 46 -23.65 -19.05 3.44
CA SER B 46 -23.64 -19.05 3.43
C SER B 46 -22.50 -20.02 3.18
C SER B 46 -22.49 -20.01 3.18
N LEU B 47 -22.09 -20.72 4.24
CA LEU B 47 -21.01 -21.68 4.15
C LEU B 47 -21.51 -22.99 3.58
N GLU B 48 -20.88 -23.47 2.50
CA GLU B 48 -21.32 -24.70 1.85
C GLU B 48 -20.44 -25.88 2.24
N THR B 49 -19.15 -25.62 2.38
CA THR B 49 -18.19 -26.67 2.69
C THR B 49 -17.06 -26.11 3.52
N LEU B 50 -16.81 -26.71 4.67
CA LEU B 50 -15.69 -26.33 5.50
C LEU B 50 -14.51 -27.26 5.23
N LEU B 51 -13.33 -26.68 5.04
CA LEU B 51 -12.13 -27.45 4.77
C LEU B 51 -11.18 -27.35 5.96
N LEU B 52 -10.71 -28.50 6.44
CA LEU B 52 -9.84 -28.52 7.60
C LEU B 52 -8.53 -29.24 7.31
N GLY B 53 -7.42 -28.55 7.55
CA GLY B 53 -6.10 -29.12 7.33
C GLY B 53 -5.66 -29.94 8.53
N PRO B 54 -4.49 -30.59 8.43
CA PRO B 54 -3.98 -31.48 9.48
C PRO B 54 -3.78 -30.78 10.82
N LYS B 55 -3.51 -29.49 10.80
CA LYS B 55 -3.22 -28.75 12.03
C LYS B 55 -4.37 -27.83 12.47
N ALA B 56 -5.58 -28.13 12.02
CA ALA B 56 -6.77 -27.37 12.44
C ALA B 56 -7.06 -27.57 13.93
N ARG B 57 -7.64 -26.56 14.57
CA ARG B 57 -8.06 -26.65 15.97
C ARG B 57 -9.40 -27.35 16.08
N PRO B 58 -9.68 -27.95 17.25
CA PRO B 58 -11.00 -28.54 17.52
C PRO B 58 -12.15 -27.55 17.28
N GLU B 59 -11.95 -26.30 17.64
CA GLU B 59 -13.03 -25.32 17.50
C GLU B 59 -13.40 -25.09 16.03
N ASP B 60 -12.41 -25.25 15.14
CA ASP B 60 -12.63 -25.01 13.71
C ASP B 60 -13.79 -25.84 13.17
N ARG B 61 -13.87 -27.11 13.56
CA ARG B 61 -14.93 -27.99 13.09
C ARG B 61 -16.31 -27.47 13.49
N ALA B 62 -16.38 -26.75 14.61
CA ALA B 62 -17.64 -26.26 15.14
C ALA B 62 -18.16 -25.07 14.37
N LEU B 63 -17.33 -24.52 13.47
CA LEU B 63 -17.77 -23.43 12.60
C LEU B 63 -18.74 -23.86 11.52
N ALA B 64 -18.84 -25.17 11.29
CA ALA B 64 -19.52 -25.69 10.10
C ALA B 64 -21.00 -25.34 10.02
N GLY B 65 -21.67 -25.30 11.15
CA GLY B 65 -23.09 -25.01 11.19
C GLY B 65 -23.92 -25.90 10.29
N GLY B 66 -23.52 -27.16 10.16
CA GLY B 66 -24.27 -28.10 9.35
C GLY B 66 -23.78 -28.25 7.92
N ALA B 67 -22.76 -27.48 7.56
CA ALA B 67 -22.15 -27.61 6.23
C ALA B 67 -21.32 -28.89 6.15
N GLU B 68 -21.05 -29.33 4.93
CA GLU B 68 -20.16 -30.47 4.72
C GLU B 68 -18.76 -30.12 5.20
N VAL B 69 -18.14 -31.03 5.95
CA VAL B 69 -16.78 -30.81 6.43
C VAL B 69 -15.81 -31.79 5.78
N LEU B 70 -14.72 -31.25 5.24
CA LEU B 70 -13.69 -32.09 4.61
C LEU B 70 -12.34 -31.91 5.30
N GLU B 71 -11.74 -33.03 5.70
CA GLU B 71 -10.38 -33.02 6.23
C GLU B 71 -9.41 -33.22 5.07
N LEU B 72 -8.37 -32.41 5.02
CA LEU B 72 -7.40 -32.50 3.94
C LEU B 72 -5.99 -32.75 4.45
N SER B 73 -5.24 -33.58 3.72
CA SER B 73 -3.83 -33.79 4.00
C SER B 73 -3.05 -32.54 3.62
N GLU B 74 -1.79 -32.47 4.06
CA GLU B 74 -0.93 -31.34 3.75
C GLU B 74 -0.79 -31.14 2.24
N ARG B 75 -0.64 -32.25 1.52
CA ARG B 75 -0.51 -32.21 0.06
C ARG B 75 -1.78 -31.70 -0.61
N ALA B 76 -2.92 -32.23 -0.19
CA ALA B 76 -4.21 -31.83 -0.74
C ALA B 76 -4.51 -30.37 -0.40
N LEU B 77 -4.18 -29.98 0.82
CA LEU B 77 -4.36 -28.61 1.28
C LEU B 77 -3.52 -27.63 0.47
N ALA B 78 -2.28 -28.00 0.19
CA ALA B 78 -1.37 -27.15 -0.55
C ALA B 78 -1.90 -26.89 -1.97
N ARG B 79 -2.60 -27.87 -2.51
CA ARG B 79 -3.18 -27.75 -3.84
C ARG B 79 -4.28 -26.68 -3.86
N VAL B 80 -5.11 -26.69 -2.83
CA VAL B 80 -6.27 -25.80 -2.76
C VAL B 80 -5.88 -24.37 -2.34
N SER B 81 -4.82 -24.25 -1.56
CA SER B 81 -4.40 -22.95 -1.02
C SER B 81 -3.78 -22.02 -2.07
N THR B 82 -3.98 -20.72 -1.91
CA THR B 82 -3.33 -19.74 -2.76
C THR B 82 -2.19 -19.09 -2.00
N ARG B 83 -1.86 -19.67 -0.86
CA ARG B 83 -0.79 -19.13 -0.02
C ARG B 83 0.46 -20.01 -0.10
N GLU B 84 1.61 -19.38 0.10
CA GLU B 84 2.88 -20.10 0.21
C GLU B 84 2.82 -20.99 1.44
N ASN B 85 2.24 -20.45 2.51
CA ASN B 85 1.97 -21.21 3.73
C ASN B 85 0.46 -21.36 3.92
N PRO B 86 -0.09 -22.51 3.47
CA PRO B 86 -1.54 -22.78 3.47
C PRO B 86 -2.20 -22.67 4.83
N ALA B 87 -3.38 -22.03 4.86
CA ALA B 87 -4.16 -21.94 6.08
C ALA B 87 -4.75 -23.29 6.42
N GLN B 88 -5.04 -23.50 7.69
CA GLN B 88 -5.60 -24.77 8.15
C GLN B 88 -7.13 -24.76 8.12
N VAL B 89 -7.70 -23.57 7.89
CA VAL B 89 -9.15 -23.44 7.84
C VAL B 89 -9.56 -22.73 6.57
N LEU B 90 -10.45 -23.34 5.80
CA LEU B 90 -10.99 -22.72 4.59
C LEU B 90 -12.47 -23.00 4.48
N GLY B 91 -13.20 -22.13 3.79
CA GLY B 91 -14.62 -22.36 3.62
C GLY B 91 -15.05 -22.02 2.22
N VAL B 92 -15.87 -22.88 1.64
CA VAL B 92 -16.51 -22.58 0.36
C VAL B 92 -17.83 -21.91 0.66
N PHE B 93 -17.98 -20.67 0.19
CA PHE B 93 -19.21 -19.91 0.43
C PHE B 93 -19.96 -19.67 -0.87
N ARG B 94 -21.26 -19.44 -0.75
CA ARG B 94 -22.10 -19.04 -1.87
C ARG B 94 -21.89 -17.57 -2.22
N LEU B 95 -21.74 -17.28 -3.51
CA LEU B 95 -21.75 -15.89 -3.96
C LEU B 95 -23.09 -15.28 -3.61
N PRO B 96 -23.09 -14.08 -2.99
CA PRO B 96 -24.30 -13.41 -2.53
C PRO B 96 -24.98 -12.53 -3.58
N ARG B 97 -26.25 -12.26 -3.35
CA ARG B 97 -27.02 -11.32 -4.17
C ARG B 97 -27.25 -10.06 -3.36
N ARG B 98 -26.75 -8.94 -3.87
CA ARG B 98 -26.84 -7.63 -3.22
C ARG B 98 -26.96 -6.55 -4.29
N SER B 99 -27.65 -5.45 -3.98
CA SER B 99 -27.67 -4.28 -4.86
C SER B 99 -27.85 -3.00 -4.06
N LEU B 100 -27.68 -1.86 -4.72
CA LEU B 100 -27.80 -0.55 -4.07
C LEU B 100 -29.22 -0.26 -3.60
N ALA B 101 -30.18 -1.01 -4.13
CA ALA B 101 -31.60 -0.76 -3.84
C ALA B 101 -31.85 -0.97 -2.36
N GLY B 102 -31.04 -1.82 -1.75
CA GLY B 102 -31.15 -2.10 -0.33
C GLY B 102 -30.35 -1.18 0.58
N VAL B 103 -29.74 -0.14 0.02
CA VAL B 103 -28.94 0.79 0.82
C VAL B 103 -29.77 1.97 1.31
N THR B 104 -29.68 2.24 2.59
CA THR B 104 -30.30 3.42 3.18
C THR B 104 -29.24 4.28 3.84
N LEU B 105 -29.21 5.57 3.52
CA LEU B 105 -28.20 6.47 4.09
C LEU B 105 -28.85 7.51 4.99
N GLY B 106 -28.10 7.94 6.00
CA GLY B 106 -28.54 9.02 6.88
C GLY B 106 -28.27 10.40 6.32
N ALA B 107 -28.32 11.40 7.19
CA ALA B 107 -28.21 12.78 6.75
C ALA B 107 -26.80 13.21 6.37
N ALA B 108 -25.79 12.53 6.91
CA ALA B 108 -24.39 12.92 6.64
C ALA B 108 -23.47 11.71 6.45
N PRO B 109 -23.67 10.98 5.36
CA PRO B 109 -22.89 9.75 5.13
C PRO B 109 -21.47 10.06 4.66
N LEU B 110 -20.58 9.09 4.86
CA LEU B 110 -19.22 9.12 4.35
C LEU B 110 -19.07 8.09 3.24
N VAL B 111 -18.91 8.57 2.02
CA VAL B 111 -18.93 7.71 0.84
C VAL B 111 -17.62 7.78 0.04
N LEU B 112 -17.17 6.63 -0.45
CA LEU B 112 -15.98 6.55 -1.29
C LEU B 112 -16.39 6.01 -2.65
N VAL B 113 -16.01 6.72 -3.72
CA VAL B 113 -16.31 6.31 -5.11
C VAL B 113 -14.99 6.06 -5.84
N LEU B 114 -14.73 4.78 -6.16
CA LEU B 114 -13.49 4.39 -6.83
C LEU B 114 -13.75 4.17 -8.30
N LEU B 115 -13.24 5.07 -9.12
CA LEU B 115 -13.48 4.99 -10.56
C LEU B 115 -12.36 4.21 -11.22
N GLY B 116 -12.71 3.41 -12.22
CA GLY B 116 -11.74 2.63 -12.97
C GLY B 116 -11.31 1.33 -12.30
N LEU B 117 -10.47 0.57 -12.98
CA LEU B 117 -9.94 -0.66 -12.41
C LEU B 117 -8.61 -0.38 -11.74
N GLU B 118 -8.44 -0.87 -10.53
CA GLU B 118 -7.21 -0.59 -9.79
C GLU B 118 -6.21 -1.74 -9.90
N LYS B 119 -4.93 -1.42 -9.75
CA LYS B 119 -3.89 -2.44 -9.68
C LYS B 119 -4.17 -3.39 -8.52
N PRO B 120 -3.87 -4.68 -8.71
CA PRO B 120 -4.01 -5.67 -7.64
C PRO B 120 -3.32 -5.23 -6.35
N GLY B 121 -3.98 -5.43 -5.21
CA GLY B 121 -3.46 -4.98 -3.94
C GLY B 121 -4.17 -3.74 -3.44
N ASN B 122 -4.55 -2.86 -4.36
CA ASN B 122 -5.10 -1.57 -3.96
C ASN B 122 -6.51 -1.65 -3.42
N LEU B 123 -7.37 -2.48 -4.02
CA LEU B 123 -8.72 -2.53 -3.50
C LEU B 123 -8.74 -3.06 -2.07
N GLY B 124 -8.01 -4.13 -1.80
CA GLY B 124 -8.00 -4.68 -0.46
C GLY B 124 -7.58 -3.65 0.58
N ALA B 125 -6.49 -2.93 0.30
CA ALA B 125 -6.02 -1.88 1.21
C ALA B 125 -7.03 -0.75 1.38
N ILE B 126 -7.69 -0.35 0.29
CA ILE B 126 -8.74 0.66 0.41
C ILE B 126 -9.88 0.18 1.28
N LEU B 127 -10.26 -1.07 1.11
CA LEU B 127 -11.33 -1.59 1.93
C LEU B 127 -10.92 -1.62 3.39
N ARG B 128 -9.66 -1.97 3.67
CA ARG B 128 -9.20 -1.92 5.06
C ARG B 128 -9.31 -0.51 5.64
N ALA B 129 -8.95 0.49 4.86
CA ALA B 129 -9.03 1.87 5.35
C ALA B 129 -10.49 2.30 5.53
N ALA B 130 -11.34 1.87 4.60
CA ALA B 130 -12.76 2.21 4.69
C ALA B 130 -13.40 1.59 5.92
N ASP B 131 -13.00 0.38 6.24
CA ASP B 131 -13.44 -0.31 7.43
C ASP B 131 -12.95 0.45 8.68
N GLY B 132 -11.70 0.87 8.64
CA GLY B 132 -11.12 1.59 9.77
C GLY B 132 -11.76 2.96 10.01
N ALA B 133 -11.95 3.73 8.93
CA ALA B 133 -12.49 5.07 9.08
C ALA B 133 -14.01 5.07 9.20
N GLY B 134 -14.64 3.94 8.89
CA GLY B 134 -16.08 3.79 9.01
C GLY B 134 -16.87 4.39 7.87
N ALA B 135 -16.42 4.18 6.63
CA ALA B 135 -17.20 4.64 5.47
C ALA B 135 -18.56 3.96 5.44
N ASP B 136 -19.57 4.71 5.01
CA ASP B 136 -20.95 4.21 4.98
C ASP B 136 -21.27 3.51 3.67
N LEU B 137 -20.45 3.75 2.66
CA LEU B 137 -20.70 3.21 1.33
C LEU B 137 -19.43 3.31 0.50
N VAL B 138 -19.10 2.25 -0.23
CA VAL B 138 -17.99 2.30 -1.18
C VAL B 138 -18.51 1.82 -2.53
N LEU B 139 -18.44 2.69 -3.54
CA LEU B 139 -18.78 2.27 -4.90
C LEU B 139 -17.53 1.95 -5.71
N VAL B 140 -17.53 0.79 -6.38
CA VAL B 140 -16.42 0.44 -7.24
C VAL B 140 -16.95 0.21 -8.66
N ALA B 141 -16.03 0.09 -9.62
CA ALA B 141 -16.43 -0.05 -11.03
C ALA B 141 -17.19 -1.36 -11.27
N GLU B 142 -18.07 -1.34 -12.27
CA GLU B 142 -18.82 -2.56 -12.57
C GLU B 142 -17.83 -3.63 -12.99
N GLY B 143 -18.12 -4.86 -12.62
CA GLY B 143 -17.20 -5.94 -12.98
C GLY B 143 -15.99 -6.11 -12.06
N VAL B 144 -15.82 -5.21 -11.10
CA VAL B 144 -14.79 -5.41 -10.08
C VAL B 144 -15.10 -6.65 -9.25
N ASP B 145 -14.10 -7.52 -9.04
CA ASP B 145 -14.28 -8.79 -8.35
C ASP B 145 -14.03 -8.64 -6.85
N LEU B 146 -15.09 -8.75 -6.06
CA LEU B 146 -14.97 -8.60 -4.59
C LEU B 146 -14.74 -9.94 -3.91
N PHE B 147 -14.58 -11.00 -4.70
CA PHE B 147 -14.54 -12.36 -4.14
C PHE B 147 -13.30 -13.15 -4.56
N SER B 148 -12.30 -12.44 -5.07
CA SER B 148 -11.05 -13.09 -5.43
C SER B 148 -10.24 -13.42 -4.17
N PRO B 149 -9.42 -14.47 -4.23
CA PRO B 149 -8.53 -14.75 -3.10
C PRO B 149 -7.70 -13.53 -2.71
N GLN B 150 -7.31 -12.74 -3.71
CA GLN B 150 -6.51 -11.55 -3.49
C GLN B 150 -7.22 -10.51 -2.63
N VAL B 151 -8.44 -10.16 -3.01
CA VAL B 151 -9.12 -9.11 -2.27
CA VAL B 151 -9.19 -9.12 -2.28
C VAL B 151 -9.58 -9.61 -0.89
N ILE B 152 -9.92 -10.90 -0.80
CA ILE B 152 -10.26 -11.50 0.49
C ILE B 152 -9.05 -11.45 1.42
N ARG B 153 -7.90 -11.87 0.91
CA ARG B 153 -6.68 -11.87 1.71
C ARG B 153 -6.19 -10.46 2.03
N ASN B 154 -6.11 -9.61 1.02
CA ASN B 154 -5.62 -8.25 1.22
C ASN B 154 -6.53 -7.35 2.05
N SER B 155 -7.83 -7.64 2.09
CA SER B 155 -8.70 -6.85 2.96
C SER B 155 -8.79 -7.49 4.33
N THR B 156 -8.11 -8.62 4.50
CA THR B 156 -8.18 -9.42 5.73
C THR B 156 -9.62 -9.73 6.09
N GLY B 157 -10.45 -9.90 5.06
CA GLY B 157 -11.84 -10.25 5.26
C GLY B 157 -12.74 -9.04 5.48
N ALA B 158 -12.16 -7.85 5.51
CA ALA B 158 -12.95 -6.62 5.71
C ALA B 158 -13.96 -6.44 4.59
N VAL B 159 -13.68 -7.04 3.43
CA VAL B 159 -14.58 -6.91 2.27
C VAL B 159 -15.98 -7.43 2.58
N PHE B 160 -16.09 -8.43 3.44
CA PHE B 160 -17.39 -9.07 3.67
C PHE B 160 -18.41 -8.20 4.39
N ALA B 161 -17.99 -7.44 5.38
CA ALA B 161 -18.97 -6.67 6.15
C ALA B 161 -19.19 -5.26 5.59
N LEU B 162 -18.27 -4.82 4.74
CA LEU B 162 -18.31 -3.45 4.21
C LEU B 162 -19.41 -3.29 3.19
N PRO B 163 -20.04 -2.10 3.17
CA PRO B 163 -21.04 -1.79 2.15
C PRO B 163 -20.36 -1.40 0.82
N VAL B 164 -19.84 -2.39 0.11
CA VAL B 164 -19.16 -2.11 -1.15
C VAL B 164 -19.94 -2.73 -2.33
N TYR B 165 -20.12 -1.90 -3.37
CA TYR B 165 -21.00 -2.23 -4.50
C TYR B 165 -20.33 -1.89 -5.82
N PRO B 166 -20.12 -2.90 -6.69
CA PRO B 166 -19.71 -2.61 -8.07
C PRO B 166 -20.91 -2.08 -8.82
N VAL B 167 -20.75 -0.94 -9.48
N VAL B 167 -20.76 -0.93 -9.45
CA VAL B 167 -21.88 -0.30 -10.11
CA VAL B 167 -21.89 -0.23 -10.07
C VAL B 167 -21.41 0.39 -11.38
C VAL B 167 -21.44 0.46 -11.36
N ALA B 168 -22.25 0.35 -12.41
CA ALA B 168 -21.95 1.05 -13.64
C ALA B 168 -21.88 2.56 -13.41
N GLU B 169 -21.00 3.25 -14.14
CA GLU B 169 -20.74 4.67 -13.89
C GLU B 169 -22.00 5.55 -13.96
N GLY B 170 -22.86 5.29 -14.93
CA GLY B 170 -24.06 6.09 -15.06
C GLY B 170 -24.99 5.95 -13.87
N GLU B 171 -25.16 4.72 -13.41
CA GLU B 171 -25.99 4.48 -12.25
C GLU B 171 -25.33 5.04 -10.98
N ALA B 172 -24.01 4.96 -10.89
CA ALA B 172 -23.31 5.56 -9.74
C ALA B 172 -23.61 7.05 -9.68
N ALA B 173 -23.51 7.73 -10.82
CA ALA B 173 -23.76 9.16 -10.87
C ALA B 173 -25.21 9.46 -10.47
N ARG B 174 -26.16 8.65 -10.93
CA ARG B 174 -27.55 8.92 -10.61
C ARG B 174 -27.85 8.65 -9.15
N PHE B 175 -27.28 7.57 -8.62
CA PHE B 175 -27.43 7.26 -7.20
C PHE B 175 -26.93 8.42 -6.34
N LEU B 176 -25.75 8.94 -6.65
CA LEU B 176 -25.20 10.04 -5.86
C LEU B 176 -26.06 11.29 -5.95
N GLU B 177 -26.54 11.58 -7.15
CA GLU B 177 -27.45 12.70 -7.40
C GLU B 177 -28.75 12.57 -6.60
N GLU B 178 -29.30 11.36 -6.59
CA GLU B 178 -30.59 11.11 -5.94
C GLU B 178 -30.49 11.25 -4.43
N HIS B 179 -29.32 10.96 -3.89
CA HIS B 179 -29.11 11.07 -2.45
C HIS B 179 -28.48 12.40 -2.09
N ASN B 180 -28.42 13.31 -3.07
CA ASN B 180 -27.93 14.67 -2.87
C ASN B 180 -26.56 14.74 -2.22
N LEU B 181 -25.68 13.82 -2.60
CA LEU B 181 -24.34 13.77 -2.01
C LEU B 181 -23.40 14.75 -2.67
N PRO B 182 -22.80 15.64 -1.89
CA PRO B 182 -21.75 16.53 -2.38
C PRO B 182 -20.57 15.70 -2.87
N LEU B 183 -20.12 15.95 -4.09
CA LEU B 183 -19.00 15.21 -4.65
C LEU B 183 -17.70 15.97 -4.46
N VAL B 184 -16.70 15.29 -3.91
CA VAL B 184 -15.40 15.91 -3.73
C VAL B 184 -14.39 15.09 -4.50
N ALA B 185 -13.86 15.66 -5.59
CA ALA B 185 -12.93 14.95 -6.44
C ALA B 185 -11.51 15.08 -5.91
N ALA B 186 -10.86 13.95 -5.68
CA ALA B 186 -9.48 13.97 -5.21
C ALA B 186 -8.55 13.92 -6.40
N THR B 187 -7.74 14.95 -6.57
CA THR B 187 -6.79 14.96 -7.68
C THR B 187 -5.55 15.77 -7.31
N PRO B 188 -4.36 15.31 -7.73
CA PRO B 188 -3.09 15.93 -7.32
C PRO B 188 -3.01 17.42 -7.59
N GLU B 189 -3.72 17.89 -8.62
CA GLU B 189 -3.72 19.30 -8.93
C GLU B 189 -5.00 20.02 -8.51
N GLY B 190 -5.79 19.42 -7.62
CA GLY B 190 -7.03 20.03 -7.15
C GLY B 190 -6.79 21.39 -6.53
N GLU B 191 -7.73 22.31 -6.70
CA GLU B 191 -7.46 23.70 -6.34
C GLU B 191 -7.46 23.98 -4.83
N ARG B 192 -8.06 23.07 -4.06
CA ARG B 192 -8.16 23.22 -2.62
C ARG B 192 -7.36 22.15 -1.88
N LEU B 193 -6.63 22.52 -0.83
CA LEU B 193 -6.04 21.51 0.05
C LEU B 193 -7.13 20.65 0.67
N TYR B 194 -6.90 19.34 0.81
CA TYR B 194 -8.01 18.47 1.25
C TYR B 194 -8.44 18.79 2.66
N TRP B 195 -7.57 19.40 3.46
CA TRP B 195 -7.93 19.77 4.83
C TRP B 195 -8.92 20.92 4.89
N GLU B 196 -9.06 21.64 3.77
CA GLU B 196 -9.91 22.81 3.69
C GLU B 196 -11.32 22.47 3.21
N GLY B 197 -11.55 21.21 2.90
CA GLY B 197 -12.90 20.73 2.60
C GLY B 197 -13.67 20.54 3.91
N ASP B 198 -15.00 20.70 3.86
CA ASP B 198 -15.84 20.48 5.05
C ASP B 198 -16.57 19.16 4.90
N TYR B 199 -16.18 18.18 5.71
CA TYR B 199 -16.69 16.84 5.53
C TYR B 199 -17.60 16.46 6.68
N ARG B 200 -18.12 17.46 7.39
CA ARG B 200 -18.95 17.18 8.55
C ARG B 200 -20.39 16.85 8.13
N GLY B 201 -20.79 17.30 6.94
CA GLY B 201 -22.03 16.85 6.31
C GLY B 201 -21.75 15.70 5.35
N GLY B 202 -22.75 15.24 4.62
CA GLY B 202 -22.52 14.15 3.67
C GLY B 202 -21.46 14.49 2.63
N VAL B 203 -20.60 13.52 2.31
CA VAL B 203 -19.55 13.72 1.31
C VAL B 203 -19.32 12.41 0.57
N ALA B 204 -19.15 12.51 -0.76
CA ALA B 204 -18.66 11.38 -1.53
C ALA B 204 -17.34 11.77 -2.15
N PHE B 205 -16.28 11.11 -1.72
CA PHE B 205 -14.96 11.34 -2.32
C PHE B 205 -14.83 10.55 -3.60
N LEU B 206 -14.35 11.19 -4.66
CA LEU B 206 -14.11 10.54 -5.94
C LEU B 206 -12.62 10.30 -6.17
N LEU B 207 -12.27 9.04 -6.42
N LEU B 207 -12.24 9.06 -6.43
CA LEU B 207 -10.89 8.66 -6.67
CA LEU B 207 -10.85 8.71 -6.67
C LEU B 207 -10.76 8.03 -8.05
C LEU B 207 -10.67 7.95 -7.97
N GLY B 208 -9.69 8.37 -8.77
CA GLY B 208 -9.40 7.70 -10.03
C GLY B 208 -8.49 6.51 -9.86
N ALA B 209 -8.17 5.85 -10.96
CA ALA B 209 -7.29 4.68 -10.92
C ALA B 209 -5.85 5.08 -11.14
N GLU B 210 -4.94 4.27 -10.61
CA GLU B 210 -3.50 4.57 -10.54
C GLU B 210 -2.88 5.13 -11.83
N ASP B 211 -3.37 4.66 -12.97
CA ASP B 211 -2.81 5.10 -14.25
C ASP B 211 -3.52 6.33 -14.82
N LYS B 212 -4.68 6.12 -15.44
CA LYS B 212 -5.39 7.17 -16.15
C LYS B 212 -5.83 8.32 -15.26
N GLY B 213 -5.98 8.04 -13.96
CA GLY B 213 -6.45 9.05 -13.02
C GLY B 213 -7.95 9.25 -13.16
N LEU B 214 -8.43 10.38 -12.64
CA LEU B 214 -9.86 10.68 -12.60
C LEU B 214 -10.35 11.18 -13.95
N PRO B 215 -11.42 10.57 -14.50
CA PRO B 215 -12.02 11.01 -15.76
C PRO B 215 -12.47 12.47 -15.71
N GLU B 216 -12.25 13.20 -16.81
CA GLU B 216 -12.51 14.63 -16.84
C GLU B 216 -13.97 14.97 -16.50
N ALA B 217 -14.90 14.13 -16.95
CA ALA B 217 -16.31 14.37 -16.70
C ALA B 217 -16.66 14.33 -15.21
N TRP B 218 -16.04 13.42 -14.48
CA TRP B 218 -16.27 13.32 -13.04
C TRP B 218 -15.65 14.50 -12.29
N LYS B 219 -14.45 14.89 -12.69
CA LYS B 219 -13.78 16.04 -12.10
C LYS B 219 -14.62 17.31 -12.24
N ARG B 220 -15.29 17.46 -13.38
CA ARG B 220 -16.06 18.66 -13.65
C ARG B 220 -17.37 18.73 -12.87
N ARG B 221 -18.05 17.59 -12.71
CA ARG B 221 -19.33 17.59 -12.01
C ARG B 221 -19.16 17.76 -10.50
N ALA B 222 -18.00 17.40 -9.96
CA ALA B 222 -17.73 17.58 -8.54
C ALA B 222 -17.79 19.07 -8.16
N GLN B 223 -18.32 19.38 -6.99
CA GLN B 223 -18.38 20.78 -6.56
C GLN B 223 -17.03 21.25 -6.03
N VAL B 224 -16.27 20.31 -5.47
CA VAL B 224 -14.94 20.60 -4.94
C VAL B 224 -13.91 19.65 -5.54
N ARG B 225 -12.73 20.17 -5.90
CA ARG B 225 -11.57 19.34 -6.22
C ARG B 225 -10.49 19.60 -5.17
N VAL B 226 -10.03 18.54 -4.53
CA VAL B 226 -9.05 18.69 -3.47
C VAL B 226 -7.77 17.93 -3.79
N ARG B 227 -6.66 18.45 -3.29
CA ARG B 227 -5.38 17.79 -3.45
C ARG B 227 -4.77 17.44 -2.11
N ILE B 228 -4.01 16.36 -2.08
CA ILE B 228 -3.13 16.07 -0.95
C ILE B 228 -1.78 16.63 -1.32
N PRO B 229 -1.21 17.48 -0.48
CA PRO B 229 0.04 18.12 -0.90
C PRO B 229 1.18 17.10 -1.02
N MET B 230 2.05 17.33 -2.00
CA MET B 230 3.23 16.49 -2.23
C MET B 230 4.43 17.40 -2.16
N ARG B 231 5.27 17.23 -1.14
CA ARG B 231 6.33 18.21 -0.92
C ARG B 231 7.57 17.88 -1.75
N GLY B 232 7.75 16.60 -2.05
CA GLY B 232 8.82 16.19 -2.95
C GLY B 232 8.42 16.39 -4.40
N ARG B 233 9.19 15.85 -5.32
CA ARG B 233 8.91 16.04 -6.74
C ARG B 233 8.06 14.90 -7.28
N ALA B 234 7.59 14.05 -6.37
CA ALA B 234 6.68 12.98 -6.74
C ALA B 234 5.36 13.53 -7.24
N ASP B 235 4.78 12.89 -8.24
CA ASP B 235 3.52 13.34 -8.80
C ASP B 235 2.37 13.04 -7.85
N SER B 236 2.12 11.76 -7.65
CA SER B 236 0.94 11.30 -6.96
C SER B 236 1.27 10.32 -5.84
N LEU B 237 0.31 10.08 -4.95
CA LEU B 237 0.40 9.01 -3.98
C LEU B 237 -0.35 7.80 -4.51
N ASN B 238 -0.11 6.64 -3.90
CA ASN B 238 -0.91 5.45 -4.20
C ASN B 238 -2.37 5.69 -3.86
N VAL B 239 -3.26 5.10 -4.63
CA VAL B 239 -4.68 5.43 -4.48
C VAL B 239 -5.22 4.94 -3.12
N ALA B 240 -4.72 3.83 -2.60
CA ALA B 240 -5.17 3.36 -1.30
C ALA B 240 -4.74 4.29 -0.16
N VAL B 241 -3.52 4.78 -0.27
CA VAL B 241 -3.02 5.76 0.67
C VAL B 241 -3.85 7.04 0.63
N THR B 242 -4.15 7.51 -0.57
CA THR B 242 -4.99 8.67 -0.74
C THR B 242 -6.37 8.46 -0.10
N ALA B 243 -6.98 7.30 -0.35
CA ALA B 243 -8.28 7.01 0.23
C ALA B 243 -8.24 7.10 1.76
N ALA B 244 -7.21 6.49 2.36
CA ALA B 244 -7.08 6.50 3.81
C ALA B 244 -6.93 7.91 4.33
N LEU B 245 -6.09 8.71 3.66
CA LEU B 245 -5.89 10.10 4.07
C LEU B 245 -7.20 10.89 4.04
N LEU B 246 -8.00 10.70 2.99
CA LEU B 246 -9.24 11.47 2.86
C LEU B 246 -10.24 11.05 3.93
N LEU B 247 -10.37 9.74 4.09
CA LEU B 247 -11.38 9.16 5.00
C LEU B 247 -11.07 9.59 6.42
N TYR B 248 -9.79 9.54 6.81
CA TYR B 248 -9.44 9.88 8.18
C TYR B 248 -9.48 11.39 8.42
N GLU B 249 -9.30 12.21 7.38
CA GLU B 249 -9.51 13.64 7.53
C GLU B 249 -11.00 13.91 7.80
N ALA B 250 -11.87 13.19 7.08
CA ALA B 250 -13.29 13.34 7.34
C ALA B 250 -13.60 12.93 8.78
N LEU B 251 -12.98 11.84 9.23
CA LEU B 251 -13.21 11.36 10.59
C LEU B 251 -12.71 12.38 11.61
N ARG B 252 -11.56 13.01 11.33
CA ARG B 252 -11.06 14.05 12.24
C ARG B 252 -12.10 15.14 12.43
N GLN B 253 -12.66 15.61 11.32
CA GLN B 253 -13.64 16.67 11.38
C GLN B 253 -14.91 16.22 12.11
N ARG B 254 -15.35 15.01 11.81
CA ARG B 254 -16.54 14.47 12.45
C ARG B 254 -16.34 14.20 13.93
N SER B 255 -15.07 14.16 14.35
CA SER B 255 -14.74 13.90 15.74
C SER B 255 -14.49 15.20 16.52
N GLY B 256 -14.71 16.34 15.89
CA GLY B 256 -14.64 17.62 16.56
C GLY B 256 -13.62 18.59 16.00
N GLY B 257 -12.90 18.16 14.97
CA GLY B 257 -11.90 19.00 14.32
C GLY B 257 -12.48 19.95 13.31
N ALA B 258 -11.87 21.13 13.21
CA ALA B 258 -12.31 22.16 12.26
C ALA B 258 -11.59 21.96 10.94
N PRO B 259 -12.27 22.26 9.83
CA PRO B 259 -11.52 22.30 8.56
C PRO B 259 -10.44 23.37 8.62
N LEU B 260 -9.37 23.17 7.85
CA LEU B 260 -8.30 24.16 7.81
C LEU B 260 -8.80 25.46 7.18
#